data_1I7H
#
_entry.id   1I7H
#
_cell.length_a   107.501
_cell.length_b   107.501
_cell.length_c   85.682
_cell.angle_alpha   90.00
_cell.angle_beta   90.00
_cell.angle_gamma   120.00
#
_symmetry.space_group_name_H-M   'H 3'
#
loop_
_entity.id
_entity.type
_entity.pdbx_description
1 polymer FERREDOXIN
2 non-polymer 'FE2/S2 (INORGANIC) CLUSTER'
3 water water
#
_entity_poly.entity_id   1
_entity_poly.type   'polypeptide(L)'
_entity_poly.pdbx_seq_one_letter_code
;MPKIVILPHQDLCPDGAVLEANSGETILDAALRNGIEIEHACEKSCACTTCHCIVREGFDSLPESSEQEDDMLDKAWGLE
PESRLSCQARVTDEDLVVEIPRYTINHAREH
;
_entity_poly.pdbx_strand_id   A,B,C
#
loop_
_chem_comp.id
_chem_comp.type
_chem_comp.name
_chem_comp.formula
FES non-polymer 'FE2/S2 (INORGANIC) CLUSTER' 'Fe2 S2'
#
# COMPACT_ATOMS: atom_id res chain seq x y z
N PRO A 2 2.48 -17.58 10.86
CA PRO A 2 2.87 -16.16 11.00
C PRO A 2 1.68 -15.21 10.80
N LYS A 3 1.82 -13.99 11.30
CA LYS A 3 0.77 -12.98 11.17
C LYS A 3 0.86 -12.24 9.84
N ILE A 4 -0.29 -12.00 9.22
CA ILE A 4 -0.36 -11.26 7.96
C ILE A 4 -1.25 -10.06 8.23
N VAL A 5 -0.71 -8.87 8.06
CA VAL A 5 -1.50 -7.67 8.27
C VAL A 5 -2.00 -7.21 6.91
N ILE A 6 -3.31 -7.03 6.78
CA ILE A 6 -3.89 -6.56 5.53
C ILE A 6 -4.13 -5.08 5.80
N LEU A 7 -3.46 -4.21 5.03
CA LEU A 7 -3.62 -2.78 5.20
C LEU A 7 -5.04 -2.37 4.89
N PRO A 8 -5.50 -1.25 5.48
CA PRO A 8 -6.86 -0.77 5.25
C PRO A 8 -7.16 -0.63 3.77
N HIS A 9 -8.28 -1.22 3.37
CA HIS A 9 -8.75 -1.20 2.00
C HIS A 9 -10.22 -0.77 2.05
N GLN A 10 -10.51 0.40 1.50
CA GLN A 10 -11.88 0.95 1.49
C GLN A 10 -12.99 -0.05 1.17
N ASP A 11 -12.77 -0.88 0.16
CA ASP A 11 -13.78 -1.84 -0.26
C ASP A 11 -13.76 -3.25 0.33
N LEU A 12 -12.57 -3.78 0.61
CA LEU A 12 -12.46 -5.14 1.12
C LEU A 12 -12.02 -5.30 2.56
N CYS A 13 -11.56 -4.24 3.18
CA CYS A 13 -11.08 -4.32 4.56
C CYS A 13 -10.88 -2.90 5.09
N PRO A 14 -11.98 -2.16 5.30
CA PRO A 14 -12.01 -0.78 5.79
C PRO A 14 -11.01 -0.39 6.88
N ASP A 15 -10.93 -1.17 7.94
CA ASP A 15 -10.02 -0.86 9.04
C ASP A 15 -8.76 -1.71 9.04
N GLY A 16 -8.59 -2.53 8.00
CA GLY A 16 -7.41 -3.39 7.95
C GLY A 16 -7.71 -4.64 8.76
N ALA A 17 -6.75 -5.55 8.85
CA ALA A 17 -6.97 -6.77 9.62
C ALA A 17 -5.67 -7.49 9.91
N VAL A 18 -5.69 -8.32 10.95
CA VAL A 18 -4.53 -9.12 11.35
C VAL A 18 -4.93 -10.58 11.22
N LEU A 19 -4.27 -11.30 10.33
CA LEU A 19 -4.58 -12.70 10.09
C LEU A 19 -3.50 -13.62 10.68
N GLU A 20 -3.92 -14.69 11.35
CA GLU A 20 -2.97 -15.64 11.90
C GLU A 20 -2.89 -16.73 10.84
N ALA A 21 -1.88 -16.64 9.97
CA ALA A 21 -1.70 -17.60 8.89
C ALA A 21 -0.81 -18.77 9.27
N ASN A 22 -0.99 -19.89 8.57
CA ASN A 22 -0.20 -21.09 8.81
C ASN A 22 0.99 -21.09 7.86
N SER A 23 2.09 -21.70 8.28
CA SER A 23 3.25 -21.77 7.42
C SER A 23 2.84 -22.66 6.26
N GLY A 24 3.22 -22.28 5.04
CA GLY A 24 2.87 -23.07 3.88
C GLY A 24 1.54 -22.66 3.25
N GLU A 25 0.79 -21.85 3.97
CA GLU A 25 -0.50 -21.39 3.49
C GLU A 25 -0.35 -20.17 2.58
N THR A 26 -1.18 -20.09 1.55
CA THR A 26 -1.12 -18.96 0.64
C THR A 26 -1.72 -17.73 1.29
N ILE A 27 -1.25 -16.56 0.87
CA ILE A 27 -1.76 -15.30 1.40
C ILE A 27 -3.27 -15.24 1.16
N LEU A 28 -3.71 -15.70 -0.01
CA LEU A 28 -5.12 -15.68 -0.36
C LEU A 28 -5.99 -16.59 0.50
N ASP A 29 -5.58 -17.84 0.69
CA ASP A 29 -6.38 -18.75 1.49
C ASP A 29 -6.52 -18.23 2.92
N ALA A 30 -5.46 -17.64 3.45
CA ALA A 30 -5.48 -17.08 4.80
C ALA A 30 -6.48 -15.94 4.85
N ALA A 31 -6.50 -15.14 3.79
CA ALA A 31 -7.40 -14.01 3.70
C ALA A 31 -8.85 -14.48 3.60
N LEU A 32 -9.10 -15.45 2.74
CA LEU A 32 -10.45 -15.94 2.53
C LEU A 32 -11.05 -16.59 3.78
N ARG A 33 -10.24 -17.30 4.56
CA ARG A 33 -10.75 -17.94 5.78
C ARG A 33 -11.27 -16.87 6.72
N ASN A 34 -10.66 -15.68 6.66
CA ASN A 34 -11.06 -14.57 7.53
C ASN A 34 -12.09 -13.64 6.90
N GLY A 35 -12.71 -14.10 5.83
CA GLY A 35 -13.74 -13.31 5.18
C GLY A 35 -13.27 -12.10 4.38
N ILE A 36 -11.98 -12.04 4.04
CA ILE A 36 -11.48 -10.94 3.22
C ILE A 36 -11.57 -11.43 1.78
N GLU A 37 -12.59 -10.94 1.08
CA GLU A 37 -12.86 -11.36 -0.29
C GLU A 37 -11.96 -10.86 -1.41
N ILE A 38 -10.75 -11.40 -1.47
CA ILE A 38 -9.81 -11.03 -2.52
C ILE A 38 -10.24 -11.79 -3.77
N GLU A 39 -10.48 -11.05 -4.84
CA GLU A 39 -10.92 -11.67 -6.09
C GLU A 39 -9.95 -12.75 -6.55
N HIS A 40 -10.48 -13.84 -7.09
CA HIS A 40 -9.68 -14.92 -7.62
C HIS A 40 -10.44 -15.51 -8.80
N ALA A 41 -10.52 -14.72 -9.86
CA ALA A 41 -11.23 -15.07 -11.09
C ALA A 41 -10.93 -16.42 -11.71
N CYS A 42 -9.65 -16.77 -11.84
CA CYS A 42 -9.29 -18.05 -12.46
C CYS A 42 -9.21 -19.20 -11.47
N GLU A 43 -9.77 -19.01 -10.29
CA GLU A 43 -9.79 -20.04 -9.26
C GLU A 43 -8.43 -20.58 -8.81
N LYS A 44 -7.51 -19.65 -8.52
CA LYS A 44 -6.17 -20.01 -8.04
C LYS A 44 -5.35 -20.86 -9.01
N SER A 45 -5.48 -20.57 -10.31
CA SER A 45 -4.75 -21.33 -11.34
C SER A 45 -3.52 -20.60 -11.88
N CYS A 46 -3.22 -19.43 -11.31
CA CYS A 46 -2.08 -18.63 -11.75
C CYS A 46 -2.29 -18.23 -13.21
N ALA A 47 -3.52 -17.87 -13.56
CA ALA A 47 -3.84 -17.47 -14.93
C ALA A 47 -4.54 -16.11 -15.03
N CYS A 48 -4.50 -15.33 -13.96
CA CYS A 48 -5.11 -13.99 -13.97
C CYS A 48 -4.31 -13.08 -13.03
N THR A 49 -4.84 -11.90 -12.73
CA THR A 49 -4.13 -11.01 -11.81
C THR A 49 -5.08 -10.40 -10.78
N THR A 50 -6.29 -10.94 -10.69
CA THR A 50 -7.28 -10.42 -9.76
C THR A 50 -6.93 -10.64 -8.29
N CYS A 51 -6.05 -11.60 -8.02
CA CYS A 51 -5.64 -11.89 -6.63
C CYS A 51 -4.33 -11.15 -6.32
N HIS A 52 -3.95 -10.24 -7.20
CA HIS A 52 -2.73 -9.45 -7.04
C HIS A 52 -2.67 -8.74 -5.70
N CYS A 53 -1.51 -8.76 -5.05
CA CYS A 53 -1.32 -8.07 -3.79
C CYS A 53 0.12 -7.57 -3.73
N ILE A 54 0.41 -6.61 -2.88
CA ILE A 54 1.76 -6.09 -2.75
C ILE A 54 2.24 -6.39 -1.34
N VAL A 55 3.34 -7.12 -1.22
CA VAL A 55 3.86 -7.47 0.09
C VAL A 55 4.84 -6.39 0.55
N ARG A 56 4.33 -5.43 1.31
CA ARG A 56 5.10 -4.30 1.82
C ARG A 56 6.19 -4.70 2.82
N GLU A 57 5.94 -5.78 3.57
CA GLU A 57 6.91 -6.26 4.53
C GLU A 57 6.95 -7.79 4.49
N GLY A 58 8.15 -8.36 4.41
CA GLY A 58 8.29 -9.82 4.37
C GLY A 58 8.35 -10.48 3.01
N PHE A 59 8.42 -9.67 1.95
CA PHE A 59 8.48 -10.21 0.59
C PHE A 59 9.60 -11.24 0.43
N ASP A 60 10.77 -10.97 1.01
CA ASP A 60 11.93 -11.85 0.90
C ASP A 60 11.78 -13.20 1.58
N SER A 61 10.82 -13.32 2.50
CA SER A 61 10.62 -14.57 3.21
C SER A 61 9.84 -15.58 2.37
N LEU A 62 9.02 -15.07 1.44
CA LEU A 62 8.19 -15.92 0.58
C LEU A 62 9.00 -16.63 -0.50
N PRO A 63 8.57 -17.84 -0.89
CA PRO A 63 9.30 -18.58 -1.92
C PRO A 63 9.25 -17.76 -3.21
N GLU A 64 10.36 -17.73 -3.94
CA GLU A 64 10.45 -16.98 -5.20
C GLU A 64 9.29 -17.26 -6.15
N SER A 65 8.85 -16.24 -6.87
CA SER A 65 7.75 -16.39 -7.82
C SER A 65 8.15 -17.25 -9.03
N SER A 66 7.21 -18.08 -9.49
CA SER A 66 7.47 -18.94 -10.64
C SER A 66 7.52 -18.16 -11.95
N GLU A 67 7.88 -18.86 -13.02
CA GLU A 67 7.96 -18.26 -14.34
C GLU A 67 6.56 -17.93 -14.81
N GLN A 68 5.62 -18.84 -14.51
CA GLN A 68 4.23 -18.66 -14.88
C GLN A 68 3.61 -17.47 -14.16
N GLU A 69 3.98 -17.29 -12.89
CA GLU A 69 3.45 -16.17 -12.11
C GLU A 69 4.01 -14.86 -12.68
N ASP A 70 5.31 -14.83 -12.96
CA ASP A 70 5.94 -13.65 -13.50
C ASP A 70 5.25 -13.17 -14.77
N ASP A 71 4.91 -14.11 -15.66
CA ASP A 71 4.24 -13.73 -16.91
C ASP A 71 2.89 -13.08 -16.64
N MET A 72 2.17 -13.57 -15.64
CA MET A 72 0.87 -13.00 -15.30
C MET A 72 1.02 -11.60 -14.71
N LEU A 73 2.04 -11.41 -13.87
CA LEU A 73 2.28 -10.12 -13.25
C LEU A 73 2.56 -9.01 -14.26
N ASP A 74 3.13 -9.38 -15.41
CA ASP A 74 3.41 -8.39 -16.44
C ASP A 74 2.10 -7.81 -16.98
N LYS A 75 1.00 -8.44 -16.58
CA LYS A 75 -0.32 -8.00 -17.01
C LYS A 75 -1.04 -7.26 -15.89
N ALA A 76 -0.47 -7.34 -14.69
CA ALA A 76 -1.09 -6.72 -13.52
C ALA A 76 -1.08 -5.20 -13.49
N TRP A 77 -2.21 -4.63 -13.07
CA TRP A 77 -2.34 -3.18 -12.94
C TRP A 77 -1.69 -2.79 -11.61
N GLY A 78 -0.90 -1.72 -11.61
CA GLY A 78 -0.25 -1.29 -10.38
C GLY A 78 0.86 -2.20 -9.90
N LEU A 79 1.61 -2.76 -10.84
CA LEU A 79 2.71 -3.65 -10.51
C LEU A 79 3.83 -2.95 -9.75
N GLU A 80 4.34 -3.63 -8.73
CA GLU A 80 5.45 -3.12 -7.94
C GLU A 80 6.46 -4.24 -7.74
N PRO A 81 7.70 -3.91 -7.36
CA PRO A 81 8.71 -4.94 -7.15
C PRO A 81 8.27 -6.02 -6.19
N GLU A 82 7.43 -5.64 -5.22
CA GLU A 82 6.96 -6.57 -4.21
C GLU A 82 5.60 -7.20 -4.49
N SER A 83 5.13 -7.12 -5.74
CA SER A 83 3.85 -7.71 -6.12
C SER A 83 3.92 -9.23 -6.17
N ARG A 84 2.81 -9.87 -5.85
CA ARG A 84 2.71 -11.32 -5.88
C ARG A 84 1.25 -11.68 -6.15
N LEU A 85 1.03 -12.87 -6.70
CA LEU A 85 -0.33 -13.33 -6.91
C LEU A 85 -0.56 -13.98 -5.55
N SER A 86 -1.55 -13.51 -4.80
CA SER A 86 -1.82 -14.06 -3.48
C SER A 86 -2.18 -15.55 -3.47
N CYS A 87 -2.62 -16.08 -4.60
CA CYS A 87 -2.96 -17.51 -4.63
C CYS A 87 -1.71 -18.37 -4.84
N GLN A 88 -0.58 -17.72 -5.09
CA GLN A 88 0.67 -18.43 -5.31
C GLN A 88 1.67 -18.20 -4.19
N ALA A 89 1.62 -17.04 -3.56
CA ALA A 89 2.56 -16.70 -2.48
C ALA A 89 2.23 -17.44 -1.18
N ARG A 90 3.16 -18.26 -0.70
CA ARG A 90 2.93 -19.00 0.53
C ARG A 90 3.79 -18.48 1.66
N VAL A 91 3.14 -18.26 2.80
CA VAL A 91 3.82 -17.76 3.99
C VAL A 91 4.79 -18.81 4.51
N THR A 92 5.90 -18.37 5.07
CA THR A 92 6.88 -19.29 5.62
C THR A 92 7.01 -19.06 7.12
N ASP A 93 8.08 -18.39 7.55
CA ASP A 93 8.29 -18.17 8.97
C ASP A 93 8.38 -16.70 9.37
N GLU A 94 7.91 -15.80 8.53
CA GLU A 94 7.99 -14.39 8.85
C GLU A 94 6.66 -13.66 8.70
N ASP A 95 6.40 -12.70 9.58
CA ASP A 95 5.17 -11.92 9.53
C ASP A 95 5.22 -11.01 8.30
N LEU A 96 4.06 -10.78 7.70
CA LEU A 96 3.96 -9.97 6.51
C LEU A 96 3.01 -8.80 6.66
N VAL A 97 3.18 -7.79 5.80
CA VAL A 97 2.27 -6.65 5.75
C VAL A 97 1.89 -6.70 4.27
N VAL A 98 0.60 -6.81 3.99
CA VAL A 98 0.15 -6.91 2.62
C VAL A 98 -0.85 -5.83 2.25
N GLU A 99 -0.72 -5.30 1.04
CA GLU A 99 -1.64 -4.27 0.57
C GLU A 99 -2.40 -4.81 -0.64
N ILE A 100 -3.72 -4.63 -0.64
CA ILE A 100 -4.54 -5.06 -1.76
C ILE A 100 -4.62 -3.83 -2.66
N PRO A 101 -4.34 -3.99 -3.96
CA PRO A 101 -4.36 -2.90 -4.94
C PRO A 101 -5.71 -2.19 -5.05
N ARG A 102 -5.69 -0.95 -5.53
CA ARG A 102 -6.91 -0.17 -5.68
C ARG A 102 -7.77 -0.71 -6.82
N TYR A 103 -7.13 -1.45 -7.72
CA TYR A 103 -7.82 -1.99 -8.88
C TYR A 103 -7.09 -3.20 -9.46
N THR A 104 -7.81 -4.08 -10.14
CA THR A 104 -7.20 -5.23 -10.80
C THR A 104 -7.90 -5.38 -12.14
N ILE A 105 -7.14 -5.74 -13.18
CA ILE A 105 -7.71 -5.90 -14.51
C ILE A 105 -8.40 -7.25 -14.66
N ASN A 106 -9.62 -7.23 -15.18
CA ASN A 106 -10.38 -8.45 -15.41
C ASN A 106 -11.36 -8.23 -16.55
N HIS A 107 -10.91 -8.52 -17.77
CA HIS A 107 -11.72 -8.35 -18.97
C HIS A 107 -13.08 -9.03 -18.94
N ALA A 108 -13.27 -9.94 -17.99
CA ALA A 108 -14.54 -10.67 -17.88
C ALA A 108 -15.49 -10.05 -16.86
N ARG A 109 -15.01 -9.06 -16.10
CA ARG A 109 -15.85 -8.40 -15.10
C ARG A 109 -17.05 -7.73 -15.76
N GLU A 110 -18.18 -7.72 -15.06
CA GLU A 110 -19.39 -7.10 -15.60
C GLU A 110 -19.58 -5.67 -15.11
N PRO B 2 3.24 3.61 -18.12
CA PRO B 2 2.29 2.89 -17.23
C PRO B 2 1.09 2.38 -18.02
N LYS B 3 0.20 1.70 -17.32
CA LYS B 3 -1.01 1.18 -17.94
C LYS B 3 -2.17 2.14 -17.66
N ILE B 4 -3.04 2.30 -18.64
CA ILE B 4 -4.21 3.15 -18.47
C ILE B 4 -5.46 2.33 -18.74
N VAL B 5 -6.27 2.12 -17.70
CA VAL B 5 -7.49 1.37 -17.90
C VAL B 5 -8.64 2.34 -18.18
N ILE B 6 -9.38 2.08 -19.25
CA ILE B 6 -10.54 2.88 -19.60
C ILE B 6 -11.74 2.03 -19.18
N LEU B 7 -12.54 2.52 -18.23
CA LEU B 7 -13.70 1.76 -17.80
C LEU B 7 -14.74 1.60 -18.91
N PRO B 8 -15.51 0.50 -18.89
CA PRO B 8 -16.51 0.29 -19.94
C PRO B 8 -17.42 1.49 -20.12
N HIS B 9 -17.51 1.95 -21.37
CA HIS B 9 -18.31 3.09 -21.78
C HIS B 9 -19.20 2.60 -22.92
N GLN B 10 -20.51 2.63 -22.71
CA GLN B 10 -21.48 2.15 -23.70
C GLN B 10 -21.22 2.60 -25.14
N ASP B 11 -21.00 3.90 -25.33
CA ASP B 11 -20.80 4.44 -26.67
C ASP B 11 -19.39 4.45 -27.25
N LEU B 12 -18.37 4.65 -26.41
CA LEU B 12 -17.01 4.74 -26.93
C LEU B 12 -16.06 3.60 -26.57
N CYS B 13 -16.43 2.75 -25.61
CA CYS B 13 -15.55 1.67 -25.20
C CYS B 13 -16.36 0.65 -24.40
N PRO B 14 -17.31 -0.03 -25.07
CA PRO B 14 -18.21 -1.04 -24.52
C PRO B 14 -17.67 -2.02 -23.48
N ASP B 15 -16.53 -2.64 -23.76
CA ASP B 15 -15.96 -3.62 -22.84
C ASP B 15 -14.79 -3.06 -22.05
N GLY B 16 -14.51 -1.77 -22.25
CA GLY B 16 -13.39 -1.15 -21.56
C GLY B 16 -12.12 -1.46 -22.33
N ALA B 17 -11.00 -0.91 -21.88
CA ALA B 17 -9.74 -1.16 -22.57
C ALA B 17 -8.53 -0.93 -21.68
N VAL B 18 -7.42 -1.56 -22.04
CA VAL B 18 -6.16 -1.42 -21.31
C VAL B 18 -5.20 -0.79 -22.30
N LEU B 19 -4.73 0.40 -21.98
CA LEU B 19 -3.82 1.11 -22.88
C LEU B 19 -2.40 1.17 -22.34
N GLU B 20 -1.43 1.12 -23.25
CA GLU B 20 -0.02 1.21 -22.89
C GLU B 20 0.41 2.63 -23.19
N ALA B 21 1.00 3.31 -22.21
CA ALA B 21 1.44 4.69 -22.43
C ALA B 21 2.79 4.95 -21.80
N ASN B 22 3.59 5.78 -22.47
CA ASN B 22 4.92 6.15 -21.97
C ASN B 22 4.76 7.33 -21.01
N SER B 23 5.69 7.45 -20.07
CA SER B 23 5.66 8.56 -19.13
C SER B 23 5.73 9.82 -20.00
N GLY B 24 4.90 10.80 -19.72
CA GLY B 24 4.93 12.02 -20.51
C GLY B 24 3.84 12.15 -21.57
N GLU B 25 3.18 11.05 -21.91
CA GLU B 25 2.11 11.09 -22.92
C GLU B 25 0.81 11.54 -22.26
N THR B 26 -0.12 12.08 -23.05
CA THR B 26 -1.39 12.52 -22.51
C THR B 26 -2.36 11.36 -22.52
N ILE B 27 -3.34 11.41 -21.62
CA ILE B 27 -4.35 10.38 -21.54
C ILE B 27 -5.08 10.31 -22.89
N LEU B 28 -5.39 11.46 -23.47
CA LEU B 28 -6.11 11.50 -24.75
C LEU B 28 -5.37 10.83 -25.90
N ASP B 29 -4.10 11.17 -26.11
CA ASP B 29 -3.33 10.58 -27.19
C ASP B 29 -3.29 9.06 -27.10
N ALA B 30 -3.13 8.54 -25.88
CA ALA B 30 -3.09 7.11 -25.67
C ALA B 30 -4.44 6.47 -26.05
N ALA B 31 -5.53 7.17 -25.76
CA ALA B 31 -6.86 6.67 -26.09
C ALA B 31 -7.12 6.68 -27.60
N LEU B 32 -6.82 7.80 -28.25
CA LEU B 32 -7.05 7.92 -29.68
C LEU B 32 -6.23 6.89 -30.46
N ARG B 33 -5.03 6.62 -29.97
CA ARG B 33 -4.14 5.65 -30.59
C ARG B 33 -4.69 4.23 -30.50
N ASN B 34 -5.69 4.04 -29.65
CA ASN B 34 -6.31 2.73 -29.45
C ASN B 34 -7.75 2.65 -29.94
N GLY B 35 -8.13 3.55 -30.83
CA GLY B 35 -9.48 3.52 -31.37
C GLY B 35 -10.57 3.99 -30.44
N ILE B 36 -10.21 4.71 -29.38
CA ILE B 36 -11.21 5.23 -28.45
C ILE B 36 -11.43 6.68 -28.91
N GLU B 37 -12.52 6.87 -29.63
CA GLU B 37 -12.85 8.18 -30.19
C GLU B 37 -13.28 9.28 -29.23
N ILE B 38 -12.39 9.66 -28.30
CA ILE B 38 -12.70 10.74 -27.37
C ILE B 38 -12.66 12.04 -28.18
N GLU B 39 -13.72 12.83 -28.09
CA GLU B 39 -13.78 14.10 -28.82
C GLU B 39 -12.74 15.09 -28.30
N HIS B 40 -12.20 15.90 -29.21
CA HIS B 40 -11.21 16.90 -28.85
C HIS B 40 -11.40 18.07 -29.80
N ALA B 41 -12.57 18.69 -29.69
CA ALA B 41 -12.98 19.80 -30.54
C ALA B 41 -12.01 20.95 -30.73
N CYS B 42 -11.45 21.48 -29.65
CA CYS B 42 -10.54 22.62 -29.78
C CYS B 42 -9.15 22.20 -30.26
N GLU B 43 -9.02 20.93 -30.61
CA GLU B 43 -7.75 20.39 -31.11
C GLU B 43 -6.63 20.37 -30.07
N LYS B 44 -6.95 19.86 -28.88
CA LYS B 44 -5.99 19.75 -27.79
C LYS B 44 -5.38 21.08 -27.39
N SER B 45 -6.21 22.13 -27.32
CA SER B 45 -5.73 23.45 -26.98
C SER B 45 -6.21 23.96 -25.62
N CYS B 46 -6.58 23.04 -24.73
CA CYS B 46 -7.04 23.43 -23.40
C CYS B 46 -8.08 24.56 -23.53
N ALA B 47 -8.93 24.46 -24.56
CA ALA B 47 -9.95 25.46 -24.83
C ALA B 47 -11.40 24.97 -24.90
N CYS B 48 -11.66 23.74 -24.45
CA CYS B 48 -13.02 23.20 -24.43
C CYS B 48 -13.13 22.17 -23.31
N THR B 49 -14.17 21.34 -23.32
CA THR B 49 -14.30 20.30 -22.30
C THR B 49 -14.71 18.96 -22.92
N THR B 50 -14.57 18.85 -24.23
CA THR B 50 -14.98 17.62 -24.91
C THR B 50 -14.11 16.41 -24.56
N CYS B 51 -12.87 16.66 -24.16
CA CYS B 51 -11.92 15.60 -23.81
C CYS B 51 -11.92 15.31 -22.31
N HIS B 52 -12.91 15.87 -21.62
CA HIS B 52 -13.08 15.69 -20.17
C HIS B 52 -13.09 14.20 -19.80
N CYS B 53 -12.40 13.86 -18.71
CA CYS B 53 -12.38 12.50 -18.22
C CYS B 53 -12.21 12.56 -16.71
N ILE B 54 -12.50 11.44 -16.05
CA ILE B 54 -12.40 11.35 -14.59
C ILE B 54 -11.37 10.29 -14.27
N VAL B 55 -10.30 10.67 -13.59
CA VAL B 55 -9.23 9.73 -13.25
C VAL B 55 -9.62 9.10 -11.90
N ARG B 56 -10.30 7.96 -11.98
CA ARG B 56 -10.80 7.21 -10.81
C ARG B 56 -9.70 6.65 -9.91
N GLU B 57 -8.53 6.40 -10.49
CA GLU B 57 -7.39 5.89 -9.74
C GLU B 57 -6.11 6.47 -10.35
N GLY B 58 -5.22 6.99 -9.50
CA GLY B 58 -3.97 7.55 -9.97
C GLY B 58 -3.98 9.05 -10.27
N PHE B 59 -5.02 9.74 -9.81
CA PHE B 59 -5.16 11.18 -10.02
C PHE B 59 -3.98 11.95 -9.38
N ASP B 60 -3.63 11.60 -8.15
CA ASP B 60 -2.53 12.27 -7.43
C ASP B 60 -1.17 12.10 -8.10
N SER B 61 -1.06 11.13 -8.99
CA SER B 61 0.20 10.87 -9.68
C SER B 61 0.43 11.84 -10.84
N LEU B 62 -0.64 12.48 -11.32
CA LEU B 62 -0.53 13.40 -12.43
C LEU B 62 -0.15 14.81 -11.96
N PRO B 63 0.50 15.59 -12.83
CA PRO B 63 0.89 16.96 -12.47
C PRO B 63 -0.36 17.79 -12.24
N GLU B 64 -0.31 18.68 -11.26
CA GLU B 64 -1.45 19.53 -10.92
C GLU B 64 -1.97 20.29 -12.15
N SER B 65 -3.29 20.38 -12.29
CA SER B 65 -3.88 21.09 -13.42
C SER B 65 -3.51 22.56 -13.41
N SER B 66 -3.49 23.18 -14.58
CA SER B 66 -3.15 24.60 -14.69
C SER B 66 -4.39 25.46 -14.49
N GLU B 67 -4.15 26.76 -14.30
CA GLU B 67 -5.23 27.71 -14.10
C GLU B 67 -6.11 27.69 -15.34
N GLN B 68 -5.48 27.50 -16.50
CA GLN B 68 -6.16 27.44 -17.78
C GLN B 68 -7.08 26.23 -17.86
N GLU B 69 -6.63 25.10 -17.31
CA GLU B 69 -7.45 23.89 -17.33
C GLU B 69 -8.62 24.05 -16.37
N ASP B 70 -8.34 24.59 -15.18
CA ASP B 70 -9.39 24.79 -14.21
C ASP B 70 -10.47 25.69 -14.79
N ASP B 71 -10.07 26.69 -15.59
CA ASP B 71 -11.04 27.59 -16.20
C ASP B 71 -12.03 26.81 -17.07
N MET B 72 -11.53 25.80 -17.76
CA MET B 72 -12.39 24.97 -18.61
C MET B 72 -13.21 23.98 -17.78
N LEU B 73 -12.54 23.27 -16.89
CA LEU B 73 -13.24 22.28 -16.05
C LEU B 73 -14.43 22.90 -15.33
N ASP B 74 -14.33 24.19 -15.04
CA ASP B 74 -15.43 24.88 -14.38
C ASP B 74 -16.70 24.82 -15.21
N LYS B 75 -16.55 24.69 -16.53
CA LYS B 75 -17.70 24.62 -17.43
C LYS B 75 -18.08 23.20 -17.83
N ALA B 76 -17.23 22.23 -17.52
CA ALA B 76 -17.50 20.84 -17.89
C ALA B 76 -18.74 20.23 -17.25
N TRP B 77 -19.45 19.41 -18.02
CA TRP B 77 -20.64 18.72 -17.54
C TRP B 77 -20.18 17.54 -16.68
N GLY B 78 -20.88 17.29 -15.57
CA GLY B 78 -20.51 16.17 -14.71
C GLY B 78 -19.11 16.28 -14.12
N LEU B 79 -18.75 17.47 -13.68
CA LEU B 79 -17.43 17.70 -13.10
C LEU B 79 -17.28 16.97 -11.77
N GLU B 80 -16.13 16.35 -11.54
CA GLU B 80 -15.86 15.66 -10.29
C GLU B 80 -14.49 16.10 -9.79
N PRO B 81 -14.18 15.85 -8.51
CA PRO B 81 -12.89 16.24 -7.95
C PRO B 81 -11.68 15.66 -8.70
N GLU B 82 -11.88 14.51 -9.33
CA GLU B 82 -10.80 13.87 -10.07
C GLU B 82 -10.87 14.09 -11.58
N SER B 83 -11.67 15.08 -12.00
CA SER B 83 -11.80 15.42 -13.42
C SER B 83 -10.54 16.05 -13.98
N ARG B 84 -10.26 15.77 -15.24
CA ARG B 84 -9.11 16.32 -15.94
C ARG B 84 -9.44 16.42 -17.43
N LEU B 85 -8.78 17.34 -18.13
CA LEU B 85 -8.97 17.43 -19.57
C LEU B 85 -7.94 16.40 -20.03
N SER B 86 -8.37 15.37 -20.75
CA SER B 86 -7.43 14.33 -21.16
C SER B 86 -6.32 14.80 -22.09
N CYS B 87 -6.51 15.94 -22.75
CA CYS B 87 -5.47 16.44 -23.64
C CYS B 87 -4.41 17.20 -22.85
N GLN B 88 -4.65 17.39 -21.55
CA GLN B 88 -3.70 18.10 -20.68
C GLN B 88 -3.05 17.17 -19.67
N ALA B 89 -3.79 16.15 -19.24
CA ALA B 89 -3.33 15.18 -18.25
C ALA B 89 -2.27 14.23 -18.80
N ARG B 90 -1.07 14.33 -18.26
CA ARG B 90 0.02 13.47 -18.70
C ARG B 90 0.39 12.44 -17.66
N VAL B 91 0.48 11.18 -18.08
CA VAL B 91 0.82 10.11 -17.16
C VAL B 91 2.28 10.21 -16.80
N THR B 92 2.64 9.67 -15.64
CA THR B 92 4.02 9.71 -15.18
C THR B 92 4.55 8.32 -14.85
N ASP B 93 4.45 7.93 -13.58
CA ASP B 93 4.94 6.62 -13.15
C ASP B 93 3.92 5.78 -12.40
N GLU B 94 2.64 6.00 -12.66
CA GLU B 94 1.61 5.24 -11.96
C GLU B 94 0.50 4.85 -12.92
N ASP B 95 0.07 3.59 -12.84
CA ASP B 95 -1.02 3.12 -13.69
C ASP B 95 -2.28 3.89 -13.33
N LEU B 96 -3.18 4.03 -14.30
CA LEU B 96 -4.41 4.79 -14.07
C LEU B 96 -5.66 3.99 -14.42
N VAL B 97 -6.78 4.48 -13.93
CA VAL B 97 -8.11 3.95 -14.22
C VAL B 97 -8.83 5.24 -14.57
N VAL B 98 -9.34 5.32 -15.79
CA VAL B 98 -10.01 6.52 -16.26
C VAL B 98 -11.43 6.23 -16.72
N GLU B 99 -12.34 7.14 -16.38
CA GLU B 99 -13.72 7.01 -16.80
C GLU B 99 -14.04 8.13 -17.76
N ILE B 100 -14.68 7.78 -18.86
CA ILE B 100 -15.11 8.76 -19.85
C ILE B 100 -16.52 9.13 -19.39
N PRO B 101 -16.83 10.43 -19.36
CA PRO B 101 -18.15 10.92 -18.94
C PRO B 101 -19.29 10.44 -19.83
N ARG B 102 -20.49 10.37 -19.26
CA ARG B 102 -21.68 9.94 -19.98
C ARG B 102 -22.08 10.97 -21.04
N TYR B 103 -21.66 12.21 -20.80
CA TYR B 103 -21.97 13.30 -21.71
C TYR B 103 -20.93 14.41 -21.62
N THR B 104 -20.66 15.07 -22.74
CA THR B 104 -19.75 16.22 -22.79
C THR B 104 -20.40 17.32 -23.61
N ILE B 105 -20.22 18.56 -23.17
CA ILE B 105 -20.75 19.70 -23.87
C ILE B 105 -19.87 19.90 -25.10
N ASN B 106 -20.46 20.10 -26.26
CA ASN B 106 -19.67 20.31 -27.48
C ASN B 106 -20.50 21.16 -28.43
N HIS B 107 -20.20 22.46 -28.45
CA HIS B 107 -20.92 23.40 -29.29
C HIS B 107 -20.75 23.17 -30.79
N ALA B 108 -19.78 22.33 -31.14
CA ALA B 108 -19.51 22.02 -32.54
C ALA B 108 -20.16 20.74 -33.07
N ARG B 109 -20.53 19.81 -32.21
CA ARG B 109 -21.12 18.58 -32.72
C ARG B 109 -22.46 18.85 -33.38
N GLU B 110 -23.08 19.97 -33.01
CA GLU B 110 -24.37 20.36 -33.57
C GLU B 110 -24.33 21.81 -34.04
N PRO C 2 23.58 3.15 31.46
CA PRO C 2 24.08 2.21 30.43
C PRO C 2 23.88 2.78 29.04
N LYS C 3 24.68 2.32 28.09
CA LYS C 3 24.56 2.75 26.70
C LYS C 3 23.47 1.94 26.00
N ILE C 4 22.74 2.59 25.11
CA ILE C 4 21.70 1.91 24.35
C ILE C 4 21.92 2.22 22.89
N VAL C 5 22.28 1.20 22.12
CA VAL C 5 22.49 1.40 20.70
C VAL C 5 21.17 1.10 20.00
N ILE C 6 20.70 2.03 19.17
CA ILE C 6 19.48 1.82 18.41
C ILE C 6 19.97 1.54 17.00
N LEU C 7 19.67 0.36 16.48
CA LEU C 7 20.12 -0.02 15.13
C LEU C 7 19.49 0.88 14.08
N PRO C 8 20.18 1.05 12.95
CA PRO C 8 19.65 1.90 11.87
C PRO C 8 18.21 1.54 11.56
N HIS C 9 17.36 2.56 11.55
CA HIS C 9 15.94 2.40 11.27
C HIS C 9 15.62 3.47 10.22
N GLN C 10 15.06 3.03 9.09
CA GLN C 10 14.73 3.93 7.99
C GLN C 10 13.97 5.22 8.35
N ASP C 11 13.07 5.14 9.33
CA ASP C 11 12.30 6.33 9.70
C ASP C 11 12.77 7.08 10.93
N LEU C 12 12.94 6.38 12.03
CA LEU C 12 13.34 7.02 13.28
C LEU C 12 14.82 7.23 13.50
N CYS C 13 15.65 6.47 12.79
CA CYS C 13 17.08 6.57 13.03
C CYS C 13 17.87 5.97 11.87
N PRO C 14 17.86 6.63 10.71
CA PRO C 14 18.57 6.18 9.51
C PRO C 14 19.98 5.63 9.71
N ASP C 15 20.80 6.35 10.47
CA ASP C 15 22.18 5.94 10.71
C ASP C 15 22.37 5.21 12.04
N GLY C 16 21.28 5.03 12.77
CA GLY C 16 21.36 4.36 14.06
C GLY C 16 21.76 5.42 15.08
N ALA C 17 21.86 5.03 16.34
CA ALA C 17 22.23 6.00 17.37
C ALA C 17 22.74 5.33 18.63
N VAL C 18 23.56 6.07 19.37
CA VAL C 18 24.13 5.60 20.64
C VAL C 18 23.53 6.55 21.66
N LEU C 19 22.79 6.02 22.63
CA LEU C 19 22.15 6.85 23.65
C LEU C 19 22.62 6.49 25.05
N GLU C 20 22.56 7.46 25.96
CA GLU C 20 22.95 7.23 27.34
C GLU C 20 21.65 7.13 28.16
N ALA C 21 21.39 5.95 28.71
CA ALA C 21 20.19 5.73 29.50
C ALA C 21 20.52 5.68 30.99
N ASN C 22 19.49 5.84 31.83
CA ASN C 22 19.66 5.82 33.28
C ASN C 22 19.12 4.53 33.87
N SER C 23 19.87 3.96 34.81
CA SER C 23 19.46 2.72 35.47
C SER C 23 18.05 2.90 36.04
N GLY C 24 17.19 1.90 35.81
CA GLY C 24 15.84 1.97 36.32
C GLY C 24 14.85 2.60 35.34
N GLU C 25 15.39 3.34 34.38
CA GLU C 25 14.59 4.01 33.35
C GLU C 25 14.19 3.03 32.26
N THR C 26 13.06 3.29 31.60
CA THR C 26 12.60 2.41 30.53
C THR C 26 13.34 2.71 29.23
N ILE C 27 13.33 1.73 28.32
CA ILE C 27 14.00 1.90 27.03
C ILE C 27 13.30 3.01 26.26
N LEU C 28 11.98 3.02 26.30
CA LEU C 28 11.22 4.04 25.60
C LEU C 28 11.55 5.43 26.12
N ASP C 29 11.61 5.59 27.44
CA ASP C 29 11.91 6.89 28.00
C ASP C 29 13.28 7.41 27.59
N ALA C 30 14.29 6.56 27.62
CA ALA C 30 15.63 6.97 27.21
C ALA C 30 15.61 7.39 25.74
N ALA C 31 14.88 6.64 24.91
CA ALA C 31 14.79 6.94 23.49
C ALA C 31 14.09 8.27 23.23
N LEU C 32 12.91 8.45 23.81
CA LEU C 32 12.15 9.68 23.62
C LEU C 32 12.97 10.91 24.01
N ARG C 33 13.74 10.79 25.09
CA ARG C 33 14.58 11.88 25.58
C ARG C 33 15.61 12.33 24.54
N ASN C 34 16.11 11.37 23.76
CA ASN C 34 17.13 11.65 22.76
C ASN C 34 16.64 11.83 21.33
N GLY C 35 15.34 12.04 21.15
CA GLY C 35 14.83 12.26 19.80
C GLY C 35 14.41 11.04 18.98
N ILE C 36 14.55 9.84 19.53
CA ILE C 36 14.13 8.65 18.80
C ILE C 36 12.66 8.44 19.16
N GLU C 37 11.78 8.93 18.30
CA GLU C 37 10.34 8.88 18.52
C GLU C 37 9.61 7.56 18.28
N ILE C 38 9.84 6.60 19.17
CA ILE C 38 9.16 5.33 19.10
C ILE C 38 7.70 5.61 19.44
N GLU C 39 6.79 4.97 18.70
CA GLU C 39 5.37 5.18 18.94
C GLU C 39 4.92 4.57 20.26
N HIS C 40 4.00 5.25 20.93
CA HIS C 40 3.48 4.78 22.20
C HIS C 40 2.00 5.15 22.32
N ALA C 41 1.19 4.46 21.52
CA ALA C 41 -0.25 4.68 21.43
C ALA C 41 -1.04 4.65 22.74
N CYS C 42 -0.93 3.58 23.51
CA CYS C 42 -1.69 3.48 24.75
C CYS C 42 -1.08 4.28 25.91
N GLU C 43 -0.24 5.25 25.59
CA GLU C 43 0.39 6.08 26.61
C GLU C 43 1.21 5.32 27.64
N LYS C 44 1.98 4.34 27.17
CA LYS C 44 2.83 3.55 28.06
C LYS C 44 2.01 2.84 29.14
N SER C 45 0.92 2.19 28.73
CA SER C 45 0.07 1.50 29.69
C SER C 45 0.02 -0.01 29.52
N CYS C 46 0.95 -0.55 28.73
CA CYS C 46 1.00 -1.98 28.50
C CYS C 46 -0.33 -2.47 27.90
N ALA C 47 -0.92 -1.65 27.04
CA ALA C 47 -2.20 -1.96 26.41
C ALA C 47 -2.13 -1.97 24.87
N CYS C 48 -0.93 -1.94 24.32
CA CYS C 48 -0.77 -1.98 22.86
C CYS C 48 0.58 -2.58 22.51
N THR C 49 1.00 -2.47 21.26
CA THR C 49 2.29 -3.02 20.85
C THR C 49 3.08 -2.08 19.95
N THR C 50 2.70 -0.80 19.94
CA THR C 50 3.37 0.18 19.12
C THR C 50 4.75 0.59 19.62
N CYS C 51 5.04 0.30 20.89
CA CYS C 51 6.34 0.63 21.47
C CYS C 51 7.25 -0.59 21.41
N HIS C 52 6.81 -1.60 20.68
CA HIS C 52 7.54 -2.85 20.51
C HIS C 52 8.96 -2.67 20.02
N CYS C 53 9.89 -3.41 20.61
CA CYS C 53 11.29 -3.37 20.22
C CYS C 53 11.87 -4.76 20.48
N ILE C 54 13.02 -5.04 19.86
CA ILE C 54 13.68 -6.32 20.03
C ILE C 54 15.05 -6.02 20.61
N VAL C 55 15.34 -6.58 21.79
CA VAL C 55 16.61 -6.34 22.44
C VAL C 55 17.65 -7.36 21.97
N ARG C 56 18.38 -6.98 20.93
CA ARG C 56 19.39 -7.83 20.31
C ARG C 56 20.54 -8.20 21.26
N GLU C 57 20.89 -7.30 22.16
CA GLU C 57 21.96 -7.57 23.12
C GLU C 57 21.56 -6.98 24.47
N GLY C 58 21.77 -7.76 25.54
CA GLY C 58 21.43 -7.28 26.86
C GLY C 58 20.03 -7.63 27.36
N PHE C 59 19.31 -8.46 26.62
CA PHE C 59 17.96 -8.85 27.01
C PHE C 59 17.93 -9.44 28.43
N ASP C 60 18.89 -10.30 28.75
CA ASP C 60 18.95 -10.94 30.07
C ASP C 60 19.19 -9.97 31.23
N SER C 61 19.60 -8.75 30.91
CA SER C 61 19.89 -7.75 31.95
C SER C 61 18.63 -7.01 32.40
N LEU C 62 17.55 -7.17 31.65
CA LEU C 62 16.30 -6.47 31.94
C LEU C 62 15.37 -7.22 32.88
N PRO C 63 14.60 -6.49 33.70
CA PRO C 63 13.68 -7.17 34.61
C PRO C 63 12.67 -7.95 33.76
N GLU C 64 12.45 -9.20 34.11
CA GLU C 64 11.54 -10.07 33.38
C GLU C 64 10.22 -9.38 33.04
N SER C 65 9.66 -9.73 31.89
CA SER C 65 8.39 -9.17 31.44
C SER C 65 7.25 -9.75 32.27
N SER C 66 6.24 -8.93 32.53
CA SER C 66 5.09 -9.37 33.31
C SER C 66 4.12 -10.18 32.45
N GLU C 67 3.21 -10.88 33.11
CA GLU C 67 2.23 -11.68 32.41
C GLU C 67 1.43 -10.78 31.50
N GLN C 68 1.17 -9.56 31.97
CA GLN C 68 0.42 -8.58 31.22
C GLN C 68 1.16 -8.20 29.93
N GLU C 69 2.47 -8.03 30.03
CA GLU C 69 3.27 -7.67 28.86
C GLU C 69 3.26 -8.81 27.87
N ASP C 70 3.43 -10.03 28.38
CA ASP C 70 3.44 -11.21 27.53
C ASP C 70 2.16 -11.39 26.74
N ASP C 71 1.02 -11.08 27.35
CA ASP C 71 -0.26 -11.22 26.67
C ASP C 71 -0.34 -10.25 25.49
N MET C 72 0.24 -9.07 25.67
CA MET C 72 0.25 -8.08 24.60
C MET C 72 1.22 -8.46 23.50
N LEU C 73 2.41 -8.93 23.90
CA LEU C 73 3.43 -9.33 22.95
C LEU C 73 2.93 -10.42 21.99
N ASP C 74 2.03 -11.27 22.48
CA ASP C 74 1.51 -12.33 21.63
C ASP C 74 0.76 -11.72 20.45
N LYS C 75 0.38 -10.46 20.61
CA LYS C 75 -0.36 -9.74 19.57
C LYS C 75 0.52 -8.82 18.73
N ALA C 76 1.81 -8.75 19.08
CA ALA C 76 2.73 -7.87 18.36
C ALA C 76 3.16 -8.45 17.01
N TRP C 77 3.42 -7.56 16.05
CA TRP C 77 3.87 -7.97 14.72
C TRP C 77 5.39 -8.19 14.78
N GLY C 78 5.86 -9.25 14.13
CA GLY C 78 7.29 -9.53 14.13
C GLY C 78 7.83 -9.93 15.50
N LEU C 79 7.00 -10.61 16.29
CA LEU C 79 7.42 -11.04 17.62
C LEU C 79 8.64 -11.95 17.60
N GLU C 80 9.56 -11.71 18.53
CA GLU C 80 10.77 -12.51 18.66
C GLU C 80 11.00 -12.80 20.13
N PRO C 81 11.83 -13.81 20.44
CA PRO C 81 12.11 -14.18 21.83
C PRO C 81 12.61 -13.00 22.65
N GLU C 82 13.40 -12.14 22.01
CA GLU C 82 13.97 -10.97 22.68
C GLU C 82 13.09 -9.73 22.62
N SER C 83 11.84 -9.90 22.19
CA SER C 83 10.90 -8.79 22.10
C SER C 83 10.48 -8.25 23.46
N ARG C 84 10.32 -6.93 23.53
CA ARG C 84 9.89 -6.26 24.75
C ARG C 84 9.07 -5.03 24.40
N LEU C 85 8.24 -4.59 25.34
CA LEU C 85 7.46 -3.37 25.13
C LEU C 85 8.38 -2.34 25.74
N SER C 86 8.96 -1.49 24.91
CA SER C 86 9.91 -0.48 25.39
C SER C 86 9.42 0.37 26.56
N CYS C 87 8.11 0.50 26.74
CA CYS C 87 7.58 1.30 27.86
C CYS C 87 7.57 0.49 29.15
N GLN C 88 7.86 -0.81 29.03
CA GLN C 88 7.86 -1.69 30.19
C GLN C 88 9.26 -2.23 30.52
N ALA C 89 10.13 -2.30 29.52
CA ALA C 89 11.49 -2.79 29.73
C ALA C 89 12.35 -1.75 30.45
N ARG C 90 12.97 -2.14 31.56
CA ARG C 90 13.80 -1.22 32.33
C ARG C 90 15.29 -1.53 32.34
N VAL C 91 16.06 -0.52 31.96
CA VAL C 91 17.51 -0.60 31.90
C VAL C 91 18.12 -0.77 33.27
N THR C 92 19.10 -1.66 33.38
CA THR C 92 19.75 -1.87 34.66
C THR C 92 21.19 -1.39 34.62
N ASP C 93 22.14 -2.32 34.64
CA ASP C 93 23.55 -1.96 34.62
C ASP C 93 24.32 -2.56 33.45
N GLU C 94 23.65 -2.75 32.32
CA GLU C 94 24.31 -3.35 31.17
C GLU C 94 23.93 -2.65 29.88
N ASP C 95 24.90 -2.47 28.98
CA ASP C 95 24.63 -1.81 27.71
C ASP C 95 23.70 -2.68 26.87
N LEU C 96 22.93 -2.04 26.00
CA LEU C 96 21.98 -2.77 25.17
C LEU C 96 22.15 -2.45 23.70
N VAL C 97 21.54 -3.30 22.87
CA VAL C 97 21.48 -3.11 21.43
C VAL C 97 20.00 -3.36 21.19
N VAL C 98 19.31 -2.36 20.63
CA VAL C 98 17.88 -2.43 20.40
C VAL C 98 17.50 -2.18 18.95
N GLU C 99 16.59 -2.99 18.44
CA GLU C 99 16.11 -2.82 17.07
C GLU C 99 14.63 -2.47 17.12
N ILE C 100 14.24 -1.46 16.35
CA ILE C 100 12.84 -1.04 16.26
C ILE C 100 12.30 -1.76 15.03
N PRO C 101 11.17 -2.48 15.17
CA PRO C 101 10.54 -3.21 14.06
C PRO C 101 10.17 -2.32 12.87
N ARG C 102 10.03 -2.94 11.70
CA ARG C 102 9.68 -2.18 10.49
C ARG C 102 8.20 -1.83 10.48
N TYR C 103 7.42 -2.51 11.31
CA TYR C 103 5.98 -2.27 11.38
C TYR C 103 5.44 -2.66 12.75
N THR C 104 4.36 -1.99 13.15
CA THR C 104 3.69 -2.31 14.41
C THR C 104 2.19 -2.18 14.17
N ILE C 105 1.43 -3.04 14.81
CA ILE C 105 -0.02 -3.02 14.68
C ILE C 105 -0.62 -1.87 15.51
N ASN C 106 -1.59 -1.18 14.93
CA ASN C 106 -2.26 -0.07 15.60
C ASN C 106 -3.64 0.07 14.97
N HIS C 107 -4.64 -0.50 15.63
CA HIS C 107 -6.01 -0.46 15.14
C HIS C 107 -6.63 0.93 15.20
N ALA C 108 -5.81 1.95 15.43
CA ALA C 108 -6.30 3.32 15.50
C ALA C 108 -5.43 4.31 14.73
N ARG C 109 -4.36 3.81 14.13
CA ARG C 109 -3.45 4.65 13.36
C ARG C 109 -4.23 5.42 12.29
FE1 FES D . -6.01 -16.16 -10.73
FE2 FES D . -4.55 -15.99 -8.47
S1 FES D . -3.82 -15.96 -10.57
S2 FES D . -6.76 -16.21 -8.62
FE1 FES E . -10.16 20.90 -26.04
FE2 FES E . -8.85 19.02 -24.62
S1 FES E . -9.50 21.01 -23.92
S2 FES E . -9.49 18.89 -26.75
FE1 FES F . 1.36 0.73 24.63
FE2 FES F . 3.94 0.50 25.40
S1 FES F . 2.39 -1.10 25.39
S2 FES F . 2.89 2.34 24.66
#